data_3VMP
#
_entry.id   3VMP
#
_cell.length_a   53.428
_cell.length_b   89.966
_cell.length_c   62.842
_cell.angle_alpha   90.00
_cell.angle_beta   102.25
_cell.angle_gamma   90.00
#
_symmetry.space_group_name_H-M   'P 1 21 1'
#
loop_
_entity.id
_entity.type
_entity.pdbx_description
1 polymer Dextranase
2 non-polymer '5-hydroxypentyl alpha-D-glucopyranoside'
3 non-polymer 'PHOSPHATE ION'
4 water water
#
_entity_poly.entity_id   1
_entity_poly.type   'polypeptide(L)'
_entity_poly.pdbx_seq_one_letter_code
;MDQKNGNMINLTTDKAVYQAGEAVHLNLTLNNTTSLAQNITATAEVYSLENKLKTLQYTKYLLPNESYTTQKGEFVIPAN
SLANNRGYLLKVNISDSQNNILEQGNRAIAVEDDWRTFPRYAAIGGSQKDNNSVLTKNLPDYYRELEQMKNMNINSYFFY
DVYKSATNPFPNVPKFDQSWNWWSHSQVETDAVKALVNRVHQTGAVAMLYNMILAQNANETAVLPDTEYIYNYETGGYGQ
NGQVMTYSIDDKPLQYYYNPLSKSWQNYISNAMAQAMKNGGFDGWQGDTIGDNRVLSHNQKDSRDIAHSFMLSDVYAEFL
NKMKEKLPQYYLTLNDVNGENISKLANSKQDVIYNELWPFGTSALGNRPQESYGDLKARVDQVRQATGKSLIVGAYMEEP
KFDDNRIPLNGAARDVLASATYQTDAVLLTTAAIAAAGGYHMSLAALANPNDGGGVGVLETAYYPTQSLKVSKELNRKNY
HYQQFITAYENLLRDKVENDSAEPQTFTANGRQLSQDALGINGDQVWTYAKKGNDFRTIQLLNLMGITSDWKNEDGYENN
KTPDEQTNLLVTYPLTGVSMAEADRIAKQVYLTSPDDWLQSSMISLATQVKTNENGDPVLYIQVPRLTLWDMIYILEHHH
HHH
;
_entity_poly.pdbx_strand_id   A
#
# COMPACT_ATOMS: atom_id res chain seq x y z
N GLY A 6 -1.89 -22.12 -5.94
CA GLY A 6 -1.19 -21.16 -6.85
C GLY A 6 -0.87 -21.80 -8.18
N ASN A 7 0.38 -21.63 -8.62
CA ASN A 7 0.91 -22.33 -9.75
C ASN A 7 2.39 -22.62 -9.44
N MET A 8 3.06 -23.32 -10.36
CA MET A 8 4.47 -23.65 -10.22
C MET A 8 5.25 -23.05 -11.41
N ILE A 9 4.66 -22.06 -12.08
CA ILE A 9 5.31 -21.39 -13.21
C ILE A 9 6.51 -20.54 -12.72
N ASN A 10 6.46 -20.09 -11.47
CA ASN A 10 7.56 -19.29 -10.88
C ASN A 10 8.01 -18.12 -11.78
N LEU A 11 7.03 -17.39 -12.25
CA LEU A 11 7.21 -16.31 -13.20
C LEU A 11 7.99 -15.20 -12.52
N THR A 12 9.19 -14.90 -13.04
CA THR A 12 10.06 -13.95 -12.38
C THR A 12 10.62 -12.94 -13.39
N THR A 13 10.88 -11.70 -12.96
CA THR A 13 11.42 -10.65 -13.82
C THR A 13 12.72 -10.19 -13.19
N ASP A 14 13.60 -9.58 -13.99
CA ASP A 14 14.89 -9.12 -13.50
C ASP A 14 14.77 -7.92 -12.56
N LYS A 15 13.71 -7.11 -12.74
CA LYS A 15 13.47 -5.96 -11.88
C LYS A 15 12.01 -5.94 -11.35
N ALA A 16 11.76 -5.06 -10.38
CA ALA A 16 10.42 -4.82 -9.87
C ALA A 16 9.69 -3.82 -10.79
N VAL A 17 10.46 -2.91 -11.39
CA VAL A 17 9.90 -1.81 -12.20
C VAL A 17 10.79 -1.50 -13.38
N TYR A 18 10.22 -0.89 -14.42
CA TYR A 18 10.97 -0.67 -15.64
C TYR A 18 10.84 0.74 -16.16
N GLN A 19 11.96 1.25 -16.65
CA GLN A 19 11.97 2.43 -17.52
C GLN A 19 11.44 2.03 -18.89
N ALA A 20 10.79 2.95 -19.60
CA ALA A 20 10.26 2.64 -20.91
C ALA A 20 11.38 2.17 -21.86
N GLY A 21 12.56 2.74 -21.71
CA GLY A 21 13.69 2.36 -22.57
C GLY A 21 14.43 1.12 -22.09
N GLU A 22 13.84 0.31 -21.21
CA GLU A 22 14.48 -0.91 -20.70
C GLU A 22 13.74 -2.18 -21.13
N ALA A 23 14.51 -3.21 -21.47
CA ALA A 23 13.93 -4.52 -21.79
C ALA A 23 13.43 -5.22 -20.51
N VAL A 24 12.35 -5.99 -20.65
CA VAL A 24 11.87 -6.82 -19.55
C VAL A 24 12.37 -8.21 -19.79
N HIS A 25 13.26 -8.69 -18.94
CA HIS A 25 13.69 -10.07 -19.02
C HIS A 25 12.86 -10.92 -18.05
N LEU A 26 12.16 -11.90 -18.64
CA LEU A 26 11.28 -12.81 -17.90
C LEU A 26 11.94 -14.17 -17.79
N ASN A 27 11.71 -14.85 -16.69
CA ASN A 27 11.98 -16.28 -16.63
C ASN A 27 10.70 -17.00 -16.20
N LEU A 28 10.46 -18.14 -16.82
CA LEU A 28 9.31 -18.93 -16.42
C LEU A 28 9.63 -20.42 -16.51
N THR A 29 8.90 -21.21 -15.73
CA THR A 29 9.21 -22.62 -15.67
C THR A 29 8.07 -23.42 -16.25
N LEU A 30 8.45 -24.23 -17.22
CA LEU A 30 7.57 -25.19 -17.87
C LEU A 30 7.69 -26.49 -17.12
N ASN A 31 6.57 -26.94 -16.56
CA ASN A 31 6.50 -28.21 -15.83
C ASN A 31 5.71 -29.22 -16.61
N ASN A 32 6.39 -30.28 -17.04
CA ASN A 32 5.67 -31.44 -17.55
C ASN A 32 5.14 -32.26 -16.37
N THR A 33 3.99 -31.82 -15.86
CA THR A 33 3.27 -32.52 -14.81
C THR A 33 2.49 -33.77 -15.28
N THR A 34 2.84 -34.29 -16.46
CA THR A 34 2.14 -35.44 -17.04
C THR A 34 3.00 -36.67 -17.09
N SER A 35 2.35 -37.80 -17.32
CA SER A 35 3.01 -39.10 -17.48
C SER A 35 3.60 -39.35 -18.87
N LEU A 36 3.50 -38.35 -19.76
CA LEU A 36 3.82 -38.53 -21.16
C LEU A 36 4.91 -37.55 -21.57
N ALA A 37 5.97 -38.06 -22.21
CA ALA A 37 6.97 -37.22 -22.83
C ALA A 37 6.31 -36.46 -23.98
N GLN A 38 6.43 -35.14 -23.95
CA GLN A 38 5.73 -34.30 -24.90
C GLN A 38 6.22 -32.84 -24.91
N ASN A 39 5.97 -32.15 -26.02
CA ASN A 39 6.07 -30.70 -26.07
C ASN A 39 5.16 -30.06 -25.03
N ILE A 40 5.76 -29.19 -24.21
CA ILE A 40 5.05 -28.35 -23.25
C ILE A 40 5.18 -26.91 -23.74
N THR A 41 4.05 -26.20 -23.77
CA THR A 41 4.09 -24.85 -24.33
C THR A 41 3.80 -23.74 -23.30
N ALA A 42 4.68 -22.74 -23.21
CA ALA A 42 4.39 -21.57 -22.36
C ALA A 42 4.00 -20.44 -23.31
N THR A 43 2.81 -19.91 -23.08
CA THR A 43 2.26 -18.77 -23.87
C THR A 43 1.98 -17.65 -22.87
N ALA A 44 2.62 -16.51 -23.07
CA ALA A 44 2.53 -15.35 -22.17
C ALA A 44 1.99 -14.22 -23.03
N GLU A 45 0.73 -13.87 -22.84
CA GLU A 45 0.16 -12.76 -23.60
C GLU A 45 0.33 -11.40 -22.88
N VAL A 46 0.82 -10.40 -23.62
CA VAL A 46 1.06 -9.06 -23.05
C VAL A 46 -0.16 -8.16 -23.31
N TYR A 47 -0.88 -7.84 -22.24
CA TYR A 47 -2.05 -6.97 -22.36
C TYR A 47 -1.80 -5.58 -21.84
N SER A 48 -2.40 -4.59 -22.48
CA SER A 48 -2.50 -3.26 -21.96
C SER A 48 -4.00 -3.06 -21.82
N LEU A 49 -4.51 -3.19 -20.59
CA LEU A 49 -5.96 -3.26 -20.36
C LEU A 49 -6.59 -4.35 -21.22
N GLU A 50 -7.57 -4.00 -22.04
CA GLU A 50 -8.26 -5.04 -22.79
C GLU A 50 -7.50 -5.48 -24.05
N ASN A 51 -6.45 -4.75 -24.40
CA ASN A 51 -5.80 -4.91 -25.70
C ASN A 51 -4.62 -5.84 -25.59
N LYS A 52 -4.63 -6.93 -26.37
CA LYS A 52 -3.45 -7.81 -26.40
C LYS A 52 -2.38 -7.21 -27.31
N LEU A 53 -1.28 -6.78 -26.72
CA LEU A 53 -0.20 -6.15 -27.46
C LEU A 53 0.68 -7.17 -28.09
N LYS A 54 0.97 -8.22 -27.34
CA LYS A 54 1.88 -9.26 -27.82
C LYS A 54 1.42 -10.60 -27.33
N THR A 55 1.78 -11.62 -28.10
CA THR A 55 1.86 -12.97 -27.60
C THR A 55 3.32 -13.42 -27.59
N LEU A 56 3.81 -13.81 -26.43
CA LEU A 56 5.11 -14.51 -26.32
C LEU A 56 4.88 -16.00 -26.16
N GLN A 57 5.81 -16.83 -26.64
CA GLN A 57 5.52 -18.27 -26.73
C GLN A 57 6.80 -19.08 -26.85
N TYR A 58 6.84 -20.16 -26.11
CA TYR A 58 8.01 -21.03 -26.17
C TYR A 58 7.64 -22.49 -25.92
N THR A 59 8.20 -23.41 -26.71
CA THR A 59 7.83 -24.81 -26.51
C THR A 59 9.07 -25.63 -26.24
N LYS A 60 8.99 -26.50 -25.26
CA LYS A 60 10.09 -27.41 -25.01
C LYS A 60 9.57 -28.85 -24.86
N TYR A 61 10.25 -29.79 -25.51
CA TYR A 61 9.94 -31.22 -25.37
C TYR A 61 10.46 -31.70 -24.00
N LEU A 62 9.57 -32.21 -23.17
CA LEU A 62 9.99 -32.61 -21.82
C LEU A 62 9.50 -33.99 -21.50
N LEU A 63 10.37 -34.75 -20.86
CA LEU A 63 10.03 -36.07 -20.37
C LEU A 63 9.03 -35.95 -19.18
N PRO A 64 8.39 -37.06 -18.80
CA PRO A 64 7.47 -36.98 -17.65
C PRO A 64 8.14 -36.46 -16.38
N ASN A 65 7.46 -35.54 -15.70
CA ASN A 65 7.95 -34.90 -14.48
C ASN A 65 9.16 -33.99 -14.65
N GLU A 66 9.58 -33.76 -15.90
CA GLU A 66 10.71 -32.88 -16.21
C GLU A 66 10.22 -31.43 -16.25
N SER A 67 11.05 -30.53 -15.70
CA SER A 67 10.80 -29.09 -15.80
C SER A 67 11.94 -28.35 -16.46
N TYR A 68 11.63 -27.22 -17.07
CA TYR A 68 12.66 -26.38 -17.69
C TYR A 68 12.38 -24.92 -17.39
N THR A 69 13.36 -24.25 -16.79
CA THR A 69 13.24 -22.80 -16.57
C THR A 69 13.90 -22.07 -17.74
N THR A 70 13.14 -21.17 -18.37
CA THR A 70 13.64 -20.42 -19.52
C THR A 70 14.86 -19.53 -19.15
N GLN A 71 15.81 -19.43 -20.08
CA GLN A 71 17.07 -18.77 -19.85
C GLN A 71 17.03 -17.34 -20.34
N LYS A 72 18.03 -16.56 -19.91
CA LYS A 72 18.14 -15.16 -20.31
C LYS A 72 17.99 -15.07 -21.83
N GLY A 73 17.16 -14.17 -22.32
CA GLY A 73 16.93 -14.04 -23.77
C GLY A 73 15.68 -14.77 -24.29
N GLU A 74 15.22 -15.79 -23.59
CA GLU A 74 14.16 -16.63 -24.17
C GLU A 74 12.76 -16.04 -24.12
N PHE A 75 12.37 -15.51 -22.96
CA PHE A 75 11.19 -14.58 -22.90
C PHE A 75 11.71 -13.19 -22.60
N VAL A 76 11.50 -12.27 -23.54
CA VAL A 76 11.89 -10.86 -23.34
C VAL A 76 10.81 -9.93 -23.92
N ILE A 77 10.55 -8.83 -23.24
CA ILE A 77 9.83 -7.70 -23.88
C ILE A 77 10.88 -6.61 -24.16
N PRO A 78 11.21 -6.34 -25.45
CA PRO A 78 12.26 -5.37 -25.78
C PRO A 78 12.01 -3.96 -25.25
N ALA A 79 13.10 -3.21 -25.06
CA ALA A 79 13.04 -1.80 -24.79
C ALA A 79 12.16 -1.09 -25.81
N ASN A 80 11.51 -0.02 -25.39
CA ASN A 80 10.67 0.80 -26.27
C ASN A 80 9.48 0.02 -26.86
N SER A 81 9.02 -1.00 -26.12
CA SER A 81 7.84 -1.80 -26.51
C SER A 81 6.60 -1.30 -25.79
N LEU A 82 6.80 -0.69 -24.63
CA LEU A 82 5.68 -0.35 -23.74
C LEU A 82 5.63 1.14 -23.54
N ALA A 83 4.42 1.72 -23.57
CA ALA A 83 4.25 3.14 -23.24
C ALA A 83 4.59 3.39 -21.76
N ASN A 84 5.10 4.61 -21.48
CA ASN A 84 5.62 4.99 -20.17
C ASN A 84 4.51 5.27 -19.17
N ASN A 85 4.80 5.00 -17.89
CA ASN A 85 3.87 5.30 -16.78
C ASN A 85 2.55 4.58 -16.92
N ARG A 86 2.69 3.29 -17.20
CA ARG A 86 1.56 2.38 -17.37
C ARG A 86 1.86 1.02 -16.77
N GLY A 87 0.76 0.40 -16.35
CA GLY A 87 0.73 -1.01 -15.95
C GLY A 87 0.27 -1.90 -17.08
N TYR A 88 0.84 -3.09 -17.08
CA TYR A 88 0.51 -4.16 -18.01
C TYR A 88 0.29 -5.47 -17.31
N LEU A 89 -0.39 -6.37 -18.02
CA LEU A 89 -0.54 -7.73 -17.57
C LEU A 89 0.05 -8.79 -18.50
N LEU A 90 0.79 -9.70 -17.89
CA LEU A 90 1.30 -10.88 -18.56
C LEU A 90 0.45 -12.09 -18.13
N LYS A 91 -0.30 -12.62 -19.09
CA LYS A 91 -1.29 -13.67 -18.86
C LYS A 91 -0.60 -14.92 -19.38
N VAL A 92 -0.19 -15.79 -18.45
CA VAL A 92 0.53 -17.00 -18.85
C VAL A 92 -0.33 -18.26 -18.74
N ASN A 93 -0.34 -19.05 -19.82
CA ASN A 93 -0.93 -20.41 -19.86
C ASN A 93 0.13 -21.41 -20.21
N ILE A 94 0.22 -22.47 -19.45
CA ILE A 94 1.10 -23.58 -19.83
C ILE A 94 0.20 -24.67 -20.37
N SER A 95 0.52 -25.18 -21.56
CA SER A 95 -0.33 -26.14 -22.25
C SER A 95 0.45 -27.34 -22.75
N ASP A 96 -0.22 -28.49 -22.86
CA ASP A 96 0.44 -29.72 -23.34
C ASP A 96 0.14 -29.91 -24.82
N SER A 97 0.65 -30.98 -25.41
CA SER A 97 0.57 -31.10 -26.86
C SER A 97 -0.88 -31.34 -27.30
N GLN A 98 -1.80 -31.43 -26.33
CA GLN A 98 -3.22 -31.61 -26.62
C GLN A 98 -4.03 -30.34 -26.42
N ASN A 99 -3.31 -29.28 -26.07
CA ASN A 99 -3.93 -27.98 -25.74
C ASN A 99 -4.75 -28.01 -24.46
N ASN A 100 -4.49 -28.99 -23.59
CA ASN A 100 -4.93 -28.89 -22.22
C ASN A 100 -4.09 -27.83 -21.50
N ILE A 101 -4.75 -27.03 -20.66
CA ILE A 101 -4.06 -26.06 -19.83
C ILE A 101 -3.61 -26.73 -18.54
N LEU A 102 -2.30 -26.89 -18.39
CA LEU A 102 -1.76 -27.55 -17.19
C LEU A 102 -1.68 -26.60 -16.03
N GLU A 103 -1.35 -25.34 -16.33
CA GLU A 103 -1.38 -24.26 -15.35
C GLU A 103 -1.45 -22.88 -15.94
N GLN A 104 -1.84 -21.95 -15.05
CA GLN A 104 -2.04 -20.57 -15.41
C GLN A 104 -1.53 -19.69 -14.30
N GLY A 105 -0.99 -18.55 -14.67
CA GLY A 105 -0.62 -17.52 -13.67
C GLY A 105 -0.44 -16.19 -14.37
N ASN A 106 -0.82 -15.10 -13.70
CA ASN A 106 -0.73 -13.76 -14.24
C ASN A 106 0.22 -12.89 -13.45
N ARG A 107 0.90 -12.00 -14.17
CA ARG A 107 1.93 -11.11 -13.59
C ARG A 107 1.86 -9.73 -14.21
N ALA A 108 1.82 -8.71 -13.36
CA ALA A 108 1.83 -7.34 -13.86
C ALA A 108 3.22 -6.86 -14.25
N ILE A 109 3.27 -5.93 -15.19
CA ILE A 109 4.52 -5.24 -15.45
C ILE A 109 4.29 -3.76 -15.30
N ALA A 110 5.12 -3.17 -14.44
CA ALA A 110 5.12 -1.71 -14.19
C ALA A 110 6.23 -1.00 -14.95
N VAL A 111 5.79 -0.05 -15.78
CA VAL A 111 6.67 0.87 -16.52
C VAL A 111 6.44 2.29 -16.03
N GLU A 112 7.49 2.92 -15.52
CA GLU A 112 7.34 4.23 -14.93
C GLU A 112 8.67 4.94 -14.72
N ASP A 113 8.63 6.28 -14.80
CA ASP A 113 9.79 7.15 -14.54
C ASP A 113 10.35 6.95 -13.11
N ASP A 114 9.45 6.93 -12.12
CA ASP A 114 9.87 6.75 -10.74
C ASP A 114 8.61 6.44 -9.95
N TRP A 115 8.78 6.21 -8.66
CA TRP A 115 7.70 5.68 -7.81
C TRP A 115 6.57 6.64 -7.44
N ARG A 116 6.71 7.91 -7.78
CA ARG A 116 5.82 8.98 -7.28
C ARG A 116 4.43 8.97 -7.87
N THR A 117 4.31 8.60 -9.13
CA THR A 117 2.99 8.58 -9.75
C THR A 117 2.07 7.50 -9.14
N PHE A 118 2.60 6.28 -9.00
CA PHE A 118 1.83 5.12 -8.54
C PHE A 118 2.65 4.44 -7.43
N PRO A 119 2.69 5.05 -6.23
CA PRO A 119 3.47 4.39 -5.16
C PRO A 119 2.96 3.02 -4.78
N ARG A 120 3.87 2.07 -4.59
CA ARG A 120 3.48 0.76 -4.15
C ARG A 120 4.53 0.48 -3.09
N TYR A 121 4.17 0.71 -1.84
CA TYR A 121 5.16 0.97 -0.80
C TYR A 121 5.12 -0.16 0.20
N ALA A 122 6.27 -0.75 0.50
CA ALA A 122 6.31 -1.79 1.53
C ALA A 122 7.30 -1.46 2.66
N ALA A 123 7.15 -2.10 3.83
CA ALA A 123 8.03 -1.82 5.01
C ALA A 123 9.12 -2.83 5.16
N ILE A 124 10.24 -2.47 5.77
CA ILE A 124 11.29 -3.44 6.13
C ILE A 124 11.64 -3.08 7.55
N GLY A 125 11.84 -4.08 8.42
CA GLY A 125 12.09 -3.78 9.83
C GLY A 125 12.86 -4.93 10.48
N GLY A 126 13.33 -4.71 11.70
CA GLY A 126 14.09 -5.73 12.44
C GLY A 126 13.27 -6.96 12.75
N SER A 127 13.95 -7.98 13.27
CA SER A 127 13.39 -9.28 13.49
C SER A 127 12.98 -9.50 14.94
N GLN A 128 11.70 -9.78 15.10
CA GLN A 128 11.12 -9.96 16.40
C GLN A 128 11.83 -11.06 17.20
N LYS A 129 12.17 -12.15 16.54
CA LYS A 129 12.82 -13.30 17.20
C LYS A 129 14.22 -12.94 17.71
N ASP A 130 14.78 -11.84 17.18
CA ASP A 130 16.08 -11.34 17.60
C ASP A 130 15.96 -9.96 18.17
N ASN A 131 15.13 -9.82 19.20
CA ASN A 131 15.06 -8.55 19.93
C ASN A 131 14.68 -7.32 19.07
N ASN A 132 14.09 -7.58 17.90
CA ASN A 132 13.81 -6.54 16.92
C ASN A 132 15.05 -5.95 16.22
N SER A 133 16.18 -6.66 16.28
CA SER A 133 17.44 -6.18 15.72
C SER A 133 17.47 -6.31 14.22
N VAL A 134 18.31 -5.52 13.57
CA VAL A 134 18.58 -5.66 12.14
C VAL A 134 19.98 -6.21 11.99
N LEU A 135 20.06 -7.49 11.64
CA LEU A 135 21.30 -8.27 11.72
C LEU A 135 21.63 -8.93 10.39
N THR A 136 22.92 -9.02 10.10
CA THR A 136 23.47 -9.70 8.93
C THR A 136 23.03 -11.17 8.84
N LYS A 137 22.90 -11.84 9.98
CA LYS A 137 22.54 -13.23 9.97
C LYS A 137 21.12 -13.45 9.42
N ASN A 138 20.33 -12.39 9.35
CA ASN A 138 18.98 -12.53 8.78
C ASN A 138 18.82 -12.08 7.33
N LEU A 139 19.94 -11.71 6.70
CA LEU A 139 19.89 -11.35 5.28
C LEU A 139 19.22 -12.39 4.37
N PRO A 140 19.55 -13.71 4.56
CA PRO A 140 18.90 -14.74 3.74
C PRO A 140 17.36 -14.67 3.77
N ASP A 141 16.77 -14.57 4.95
CA ASP A 141 15.33 -14.38 5.04
C ASP A 141 14.85 -13.08 4.45
N TYR A 142 15.57 -11.98 4.71
CA TYR A 142 15.24 -10.68 4.07
C TYR A 142 15.25 -10.75 2.54
N TYR A 143 16.32 -11.30 1.99
CA TYR A 143 16.44 -11.43 0.55
C TYR A 143 15.32 -12.29 -0.06
N ARG A 144 14.91 -13.33 0.67
CA ARG A 144 13.82 -14.18 0.19
C ARG A 144 12.52 -13.35 0.13
N GLU A 145 12.35 -12.46 1.11
CA GLU A 145 11.09 -11.68 1.21
C GLU A 145 11.09 -10.62 0.12
N LEU A 146 12.27 -10.04 -0.11
CA LEU A 146 12.45 -8.99 -1.08
C LEU A 146 12.38 -9.50 -2.52
N GLU A 147 12.76 -10.76 -2.73
CA GLU A 147 12.50 -11.45 -4.01
C GLU A 147 10.96 -11.49 -4.27
N GLN A 148 10.22 -11.85 -3.24
CA GLN A 148 8.77 -11.84 -3.36
C GLN A 148 8.17 -10.47 -3.62
N MET A 149 8.62 -9.46 -2.88
CA MET A 149 8.13 -8.09 -3.08
C MET A 149 8.53 -7.59 -4.47
N LYS A 150 9.68 -8.02 -4.94
CA LYS A 150 10.13 -7.65 -6.30
C LYS A 150 9.14 -8.13 -7.35
N ASN A 151 8.69 -9.39 -7.21
CA ASN A 151 7.80 -9.95 -8.21
C ASN A 151 6.36 -9.49 -8.01
N MET A 152 6.14 -8.81 -6.90
CA MET A 152 4.90 -8.03 -6.66
C MET A 152 5.03 -6.58 -7.11
N ASN A 153 6.12 -6.24 -7.81
CA ASN A 153 6.30 -4.87 -8.35
C ASN A 153 6.42 -3.71 -7.37
N ILE A 154 6.80 -4.01 -6.12
CA ILE A 154 7.01 -3.00 -5.10
C ILE A 154 8.08 -2.03 -5.57
N ASN A 155 7.80 -0.73 -5.50
CA ASN A 155 8.70 0.28 -6.08
C ASN A 155 9.39 1.18 -5.04
N SER A 156 9.09 0.94 -3.77
CA SER A 156 9.61 1.78 -2.69
C SER A 156 9.56 1.00 -1.37
N TYR A 157 10.46 1.35 -0.44
CA TYR A 157 10.55 0.64 0.83
C TYR A 157 10.78 1.59 1.97
N PHE A 158 10.01 1.36 3.04
CA PHE A 158 9.94 2.20 4.22
C PHE A 158 10.81 1.42 5.23
N PHE A 159 12.02 1.92 5.50
CA PHE A 159 12.93 1.29 6.44
C PHE A 159 12.60 1.82 7.81
N TYR A 160 11.99 0.97 8.61
CA TYR A 160 11.42 1.34 9.89
C TYR A 160 12.43 1.00 10.99
N ASP A 161 12.75 1.95 11.86
CA ASP A 161 13.59 1.72 13.06
C ASP A 161 14.92 1.08 12.68
N VAL A 162 15.54 1.56 11.60
CA VAL A 162 16.95 1.21 11.33
C VAL A 162 17.91 2.34 11.80
N TYR A 163 17.39 3.36 12.52
CA TYR A 163 18.17 4.56 12.88
C TYR A 163 18.84 4.44 14.26
N LYS A 164 19.92 5.19 14.46
CA LYS A 164 20.63 5.18 15.76
C LYS A 164 19.93 6.11 16.73
N SER A 165 19.84 7.38 16.38
CA SER A 165 19.03 8.34 17.16
C SER A 165 18.39 9.34 16.21
N ALA A 166 17.32 9.98 16.69
CA ALA A 166 16.67 11.02 15.90
C ALA A 166 17.67 12.03 15.36
N THR A 167 18.68 12.43 16.14
CA THR A 167 19.66 13.40 15.63
C THR A 167 20.96 12.84 15.02
N ASN A 168 21.17 11.53 15.14
CA ASN A 168 22.32 10.82 14.52
C ASN A 168 21.78 9.55 13.87
N PRO A 169 21.15 9.69 12.69
CA PRO A 169 20.25 8.62 12.19
C PRO A 169 20.93 7.37 11.68
N PHE A 170 22.08 7.51 11.02
CA PHE A 170 22.78 6.37 10.46
C PHE A 170 24.30 6.59 10.38
N PRO A 171 25.01 6.48 11.52
CA PRO A 171 26.43 6.76 11.56
C PRO A 171 27.27 5.73 10.82
N ASN A 172 28.43 6.14 10.36
CA ASN A 172 29.32 5.18 9.75
C ASN A 172 30.10 4.39 10.78
N VAL A 173 29.39 3.50 11.47
CA VAL A 173 30.04 2.54 12.39
C VAL A 173 29.52 1.15 12.04
N PRO A 174 30.25 0.06 12.42
CA PRO A 174 29.75 -1.26 12.05
C PRO A 174 28.45 -1.73 12.74
N LYS A 175 28.26 -1.37 14.00
CA LYS A 175 27.05 -1.74 14.74
C LYS A 175 26.76 -0.67 15.77
N PHE A 176 25.47 -0.46 16.03
CA PHE A 176 25.05 0.48 17.05
C PHE A 176 23.86 -0.03 17.84
N ASP A 177 23.74 0.43 19.06
CA ASP A 177 22.65 0.06 19.91
C ASP A 177 21.55 1.10 19.66
N GLN A 178 20.29 0.68 19.75
CA GLN A 178 19.20 1.68 19.67
C GLN A 178 18.76 1.86 21.10
N SER A 179 19.39 2.81 21.78
CA SER A 179 19.23 2.90 23.24
C SER A 179 17.86 3.42 23.63
N TRP A 180 17.14 4.00 22.66
CA TRP A 180 15.75 4.45 22.89
C TRP A 180 14.80 3.29 22.89
N ASN A 181 15.29 2.12 22.46
CA ASN A 181 14.53 0.88 22.60
C ASN A 181 14.72 0.25 23.98
N TRP A 182 13.76 0.53 24.87
CA TRP A 182 13.79 0.06 26.24
C TRP A 182 13.10 -1.29 26.41
N TRP A 183 12.22 -1.65 25.47
CA TRP A 183 11.45 -2.89 25.56
C TRP A 183 12.31 -4.10 25.15
N SER A 184 13.18 -3.93 24.16
CA SER A 184 13.96 -5.09 23.67
C SER A 184 15.45 -4.87 23.36
N HIS A 185 15.93 -3.65 23.56
CA HIS A 185 17.33 -3.27 23.31
C HIS A 185 17.86 -3.75 21.95
N SER A 186 17.19 -3.33 20.86
CA SER A 186 17.61 -3.77 19.54
C SER A 186 18.94 -3.18 19.17
N GLN A 187 19.60 -3.83 18.23
CA GLN A 187 20.83 -3.35 17.62
C GLN A 187 20.68 -3.30 16.10
N VAL A 188 21.48 -2.48 15.45
CA VAL A 188 21.56 -2.51 14.01
C VAL A 188 23.00 -2.71 13.52
N GLU A 189 23.21 -3.72 12.66
CA GLU A 189 24.50 -3.87 11.97
C GLU A 189 24.33 -3.09 10.68
N THR A 190 25.16 -2.10 10.46
CA THR A 190 24.94 -1.20 9.33
C THR A 190 25.17 -1.89 8.00
N ASP A 191 26.05 -2.91 7.98
CA ASP A 191 26.25 -3.68 6.77
C ASP A 191 24.95 -4.38 6.32
N ALA A 192 24.17 -4.87 7.28
CA ALA A 192 22.86 -5.43 6.97
C ALA A 192 21.92 -4.42 6.28
N VAL A 193 21.83 -3.20 6.81
CA VAL A 193 20.95 -2.17 6.24
C VAL A 193 21.45 -1.77 4.86
N LYS A 194 22.76 -1.58 4.69
CA LYS A 194 23.35 -1.33 3.37
C LYS A 194 23.11 -2.42 2.28
N ALA A 195 23.23 -3.68 2.68
CA ALA A 195 22.96 -4.81 1.81
C ALA A 195 21.46 -4.80 1.45
N LEU A 196 20.62 -4.47 2.42
CA LEU A 196 19.16 -4.37 2.15
C LEU A 196 18.86 -3.26 1.12
N VAL A 197 19.46 -2.08 1.33
CA VAL A 197 19.31 -0.96 0.43
C VAL A 197 19.83 -1.30 -0.95
N ASN A 198 21.01 -1.91 -1.01
CA ASN A 198 21.58 -2.34 -2.30
C ASN A 198 20.65 -3.32 -3.02
N ARG A 199 20.13 -4.32 -2.30
CA ARG A 199 19.19 -5.25 -2.91
C ARG A 199 17.90 -4.56 -3.41
N VAL A 200 17.36 -3.63 -2.64
CA VAL A 200 16.21 -2.84 -3.07
C VAL A 200 16.55 -2.12 -4.39
N HIS A 201 17.76 -1.60 -4.47
CA HIS A 201 18.16 -0.82 -5.63
C HIS A 201 18.30 -1.67 -6.87
N GLN A 202 18.80 -2.89 -6.69
CA GLN A 202 18.89 -3.85 -7.79
C GLN A 202 17.53 -4.08 -8.43
N THR A 203 16.44 -3.95 -7.66
CA THR A 203 15.12 -4.19 -8.24
C THR A 203 14.50 -2.97 -8.93
N GLY A 204 15.19 -1.83 -8.86
CA GLY A 204 14.67 -0.59 -9.40
C GLY A 204 13.87 0.19 -8.37
N ALA A 205 13.78 -0.32 -7.14
CA ALA A 205 12.99 0.35 -6.11
C ALA A 205 13.79 1.37 -5.28
N VAL A 206 13.09 2.20 -4.49
CA VAL A 206 13.75 3.19 -3.66
C VAL A 206 13.68 2.79 -2.17
N ALA A 207 14.59 3.35 -1.39
CA ALA A 207 14.77 3.07 0.03
C ALA A 207 14.57 4.36 0.83
N MET A 208 13.49 4.38 1.61
CA MET A 208 13.20 5.54 2.42
C MET A 208 13.60 5.36 3.88
N LEU A 209 14.34 6.33 4.39
CA LEU A 209 14.73 6.28 5.79
C LEU A 209 13.72 6.97 6.72
N TYR A 210 13.10 6.20 7.62
CA TYR A 210 12.19 6.75 8.65
C TYR A 210 13.00 7.45 9.69
N ASN A 211 12.63 8.69 9.97
CA ASN A 211 13.10 9.46 11.12
C ASN A 211 12.17 10.63 11.44
N MET A 212 12.06 10.93 12.72
CA MET A 212 11.30 12.11 13.18
C MET A 212 11.86 13.38 12.57
N ILE A 213 11.07 14.45 12.62
CA ILE A 213 11.49 15.69 11.99
C ILE A 213 11.92 16.81 12.91
N LEU A 214 11.52 16.72 14.17
CA LEU A 214 11.68 17.83 15.12
C LEU A 214 12.26 17.31 16.42
N ALA A 215 12.59 16.03 16.45
CA ALA A 215 12.87 15.40 17.73
C ALA A 215 14.36 15.22 18.05
N GLN A 216 14.66 15.27 19.35
CA GLN A 216 15.86 14.65 19.85
C GLN A 216 15.63 13.81 21.11
N ASN A 217 16.38 12.72 21.17
CA ASN A 217 16.29 11.79 22.26
C ASN A 217 16.82 12.43 23.54
N ALA A 218 16.03 12.27 24.60
CA ALA A 218 16.15 13.05 25.82
C ALA A 218 17.42 12.81 26.64
N ASN A 219 18.10 11.70 26.42
CA ASN A 219 19.29 11.39 27.24
C ASN A 219 20.58 11.49 26.44
N GLU A 220 20.55 12.37 25.44
CA GLU A 220 21.73 12.73 24.66
C GLU A 220 21.91 14.23 24.74
N THR A 221 23.15 14.70 24.60
CA THR A 221 23.38 16.15 24.73
C THR A 221 22.62 16.92 23.64
N ALA A 222 22.10 18.09 23.99
CA ALA A 222 21.29 18.88 23.05
C ALA A 222 22.14 19.26 21.85
N VAL A 223 21.60 19.07 20.65
CA VAL A 223 22.36 19.38 19.41
C VAL A 223 22.42 20.87 19.12
N LEU A 224 21.53 21.60 19.78
CA LEU A 224 21.38 23.03 19.61
C LEU A 224 20.92 23.61 20.96
N PRO A 225 21.20 24.91 21.21
CA PRO A 225 20.85 25.43 22.52
C PRO A 225 19.34 25.71 22.64
N ASP A 226 18.88 25.91 23.87
CA ASP A 226 17.45 25.98 24.17
C ASP A 226 16.64 27.07 23.43
N THR A 227 17.34 28.03 22.82
CA THR A 227 16.67 29.06 21.98
C THR A 227 15.99 28.42 20.75
N GLU A 228 16.28 27.16 20.49
CA GLU A 228 15.76 26.48 19.29
C GLU A 228 14.63 25.48 19.61
N TYR A 229 14.42 25.25 20.90
CA TYR A 229 13.40 24.31 21.36
C TYR A 229 12.01 24.90 21.15
N ILE A 230 11.00 24.04 21.14
CA ILE A 230 9.62 24.50 21.20
C ILE A 230 9.01 24.24 22.60
N TYR A 231 8.09 25.10 23.01
CA TYR A 231 7.57 25.11 24.37
C TYR A 231 6.04 24.98 24.35
N ASN A 232 5.49 24.39 25.39
CA ASN A 232 4.05 24.18 25.41
C ASN A 232 3.32 25.46 25.72
N TYR A 233 2.25 25.72 24.99
CA TYR A 233 1.35 26.84 25.31
C TYR A 233 0.49 26.52 26.54
N GLU A 234 -0.03 25.31 26.62
CA GLU A 234 -0.88 24.88 27.73
C GLU A 234 -0.34 23.63 28.34
N THR A 235 -0.63 23.44 29.61
CA THR A 235 -0.29 22.22 30.32
C THR A 235 -1.09 21.07 29.73
N GLY A 236 -0.41 19.95 29.47
CA GLY A 236 -1.05 18.76 28.89
C GLY A 236 -0.08 17.59 28.81
N GLY A 237 -0.26 16.72 27.82
CA GLY A 237 0.49 15.49 27.70
C GLY A 237 1.96 15.66 27.34
N TYR A 238 2.37 16.87 26.96
CA TYR A 238 3.78 17.10 26.67
C TYR A 238 4.49 17.91 27.75
N GLY A 239 3.82 18.01 28.91
CA GLY A 239 4.35 18.79 30.01
C GLY A 239 3.64 20.12 30.20
N GLN A 240 4.27 20.97 30.99
CA GLN A 240 3.68 22.22 31.47
C GLN A 240 3.80 23.37 30.49
N ASN A 241 2.84 24.29 30.52
CA ASN A 241 2.99 25.55 29.76
C ASN A 241 4.35 26.15 30.10
N GLY A 242 5.02 26.74 29.10
CA GLY A 242 6.32 27.34 29.31
C GLY A 242 7.46 26.38 29.59
N GLN A 243 7.20 25.09 29.43
CA GLN A 243 8.28 24.11 29.44
C GLN A 243 8.44 23.51 28.05
N VAL A 244 9.63 23.00 27.78
CA VAL A 244 9.95 22.40 26.51
C VAL A 244 8.95 21.27 26.25
N MET A 245 8.40 21.21 25.03
CA MET A 245 7.58 20.08 24.61
C MET A 245 8.35 18.77 24.73
N THR A 246 7.86 17.90 25.59
CA THR A 246 8.58 16.70 25.92
C THR A 246 7.66 15.51 25.83
N TYR A 247 8.11 14.49 25.14
CA TYR A 247 7.42 13.22 25.11
C TYR A 247 8.02 12.36 26.24
N SER A 248 7.14 11.97 27.17
CA SER A 248 7.53 11.12 28.29
C SER A 248 6.72 9.84 28.35
N ILE A 249 7.28 8.84 29.01
CA ILE A 249 6.51 7.68 29.44
C ILE A 249 6.85 7.52 30.93
N ASP A 250 5.81 7.44 31.77
CA ASP A 250 5.96 7.07 33.16
C ASP A 250 6.90 8.02 33.93
N ASP A 251 6.75 9.31 33.61
CA ASP A 251 7.59 10.39 34.16
C ASP A 251 9.10 10.33 33.81
N LYS A 252 9.45 9.59 32.76
CA LYS A 252 10.80 9.68 32.21
C LYS A 252 10.76 10.37 30.84
N PRO A 253 11.57 11.44 30.68
CA PRO A 253 11.58 12.08 29.37
C PRO A 253 12.18 11.14 28.32
N LEU A 254 11.49 11.02 27.19
CA LEU A 254 12.01 10.26 26.06
C LEU A 254 12.51 11.13 24.93
N GLN A 255 11.74 12.16 24.61
CA GLN A 255 12.11 13.04 23.51
C GLN A 255 11.81 14.52 23.77
N TYR A 256 12.68 15.41 23.30
CA TYR A 256 12.43 16.85 23.30
C TYR A 256 12.20 17.34 21.86
N TYR A 257 11.46 18.42 21.70
CA TYR A 257 11.16 18.89 20.33
C TYR A 257 11.66 20.28 20.05
N TYR A 258 12.10 20.47 18.79
CA TYR A 258 12.65 21.71 18.34
C TYR A 258 11.61 22.48 17.54
N ASN A 259 11.88 23.76 17.39
CA ASN A 259 11.00 24.68 16.69
C ASN A 259 11.09 24.49 15.17
N PRO A 260 9.98 24.15 14.49
CA PRO A 260 10.05 23.96 13.04
C PRO A 260 10.47 25.22 12.29
N LEU A 261 10.37 26.36 12.95
CA LEU A 261 10.75 27.64 12.39
C LEU A 261 12.22 28.00 12.64
N SER A 262 12.87 27.34 13.62
CA SER A 262 14.32 27.48 13.81
C SER A 262 15.14 27.20 12.54
N LYS A 263 15.77 28.22 11.98
CA LYS A 263 16.60 28.00 10.80
C LYS A 263 17.81 27.10 11.14
N SER A 264 18.39 27.27 12.33
CA SER A 264 19.48 26.41 12.74
C SER A 264 19.06 24.93 12.92
N TRP A 265 17.82 24.67 13.40
CA TRP A 265 17.31 23.29 13.45
C TRP A 265 17.15 22.74 12.03
N GLN A 266 16.49 23.51 11.16
CA GLN A 266 16.31 23.13 9.77
C GLN A 266 17.64 22.73 9.10
N ASN A 267 18.66 23.54 9.29
CA ASN A 267 19.96 23.27 8.67
C ASN A 267 20.57 22.05 9.33
N TYR A 268 20.40 21.92 10.65
CA TYR A 268 20.96 20.78 11.36
C TYR A 268 20.37 19.47 10.88
N ILE A 269 19.06 19.30 11.06
CA ILE A 269 18.41 18.03 10.74
C ILE A 269 18.49 17.72 9.24
N SER A 270 18.37 18.71 8.35
CA SER A 270 18.54 18.39 6.95
C SER A 270 19.93 17.80 6.65
N ASN A 271 20.96 18.45 7.17
CA ASN A 271 22.34 17.98 6.94
C ASN A 271 22.61 16.63 7.61
N ALA A 272 22.08 16.45 8.81
CA ALA A 272 22.14 15.17 9.52
C ALA A 272 21.49 14.01 8.77
N MET A 273 20.29 14.27 8.22
CA MET A 273 19.65 13.35 7.31
C MET A 273 20.41 13.16 5.99
N ALA A 274 20.93 14.23 5.42
CA ALA A 274 21.68 14.10 4.18
C ALA A 274 22.84 13.12 4.41
N GLN A 275 23.57 13.34 5.49
CA GLN A 275 24.72 12.47 5.82
C GLN A 275 24.27 11.04 6.07
N ALA A 276 23.20 10.88 6.84
CA ALA A 276 22.70 9.55 7.17
C ALA A 276 22.28 8.85 5.91
N MET A 277 21.57 9.58 5.03
CA MET A 277 21.08 8.96 3.83
C MET A 277 22.21 8.52 2.92
N LYS A 278 23.23 9.35 2.80
CA LYS A 278 24.39 9.06 1.95
C LYS A 278 25.17 7.89 2.49
N ASN A 279 25.24 7.74 3.82
CA ASN A 279 25.87 6.58 4.45
C ASN A 279 25.20 5.24 4.15
N GLY A 280 23.87 5.21 4.12
CA GLY A 280 23.13 4.01 3.79
C GLY A 280 22.87 3.77 2.32
N GLY A 281 23.01 4.81 1.50
CA GLY A 281 22.60 4.76 0.09
C GLY A 281 21.08 5.05 -0.04
N PHE A 282 20.45 5.57 1.01
CA PHE A 282 18.99 5.85 0.95
C PHE A 282 18.61 6.90 -0.08
N ASP A 283 17.34 6.87 -0.48
CA ASP A 283 16.81 7.71 -1.56
C ASP A 283 15.91 8.80 -1.03
N GLY A 284 15.62 8.76 0.28
CA GLY A 284 14.75 9.76 0.82
C GLY A 284 14.38 9.50 2.24
N TRP A 285 13.46 10.34 2.69
CA TRP A 285 13.16 10.53 4.09
C TRP A 285 11.68 10.32 4.32
N GLN A 286 11.41 9.27 5.09
CA GLN A 286 10.05 8.99 5.59
C GLN A 286 9.91 9.65 6.96
N GLY A 287 9.33 10.85 6.93
CA GLY A 287 9.25 11.69 8.09
C GLY A 287 8.09 11.32 8.99
N ASP A 288 8.29 11.59 10.27
CA ASP A 288 7.30 11.35 11.28
C ASP A 288 7.36 12.47 12.36
N THR A 289 6.21 12.75 12.99
CA THR A 289 6.15 13.69 14.13
C THR A 289 5.39 13.03 15.26
N ILE A 290 5.67 13.42 16.50
CA ILE A 290 5.03 12.77 17.64
C ILE A 290 3.52 13.04 17.73
N GLY A 291 3.09 14.18 17.17
CA GLY A 291 1.67 14.59 17.24
C GLY A 291 1.58 16.09 17.33
N ASP A 292 0.41 16.64 17.00
CA ASP A 292 0.23 18.10 16.97
C ASP A 292 0.18 18.68 18.39
N ASN A 293 0.49 19.96 18.49
CA ASN A 293 0.53 20.69 19.75
C ASN A 293 0.41 22.18 19.50
N ARG A 294 -0.14 22.88 20.48
CA ARG A 294 -0.10 24.34 20.45
C ARG A 294 1.08 24.80 21.27
N VAL A 295 1.91 25.63 20.66
CA VAL A 295 3.26 25.84 21.16
C VAL A 295 3.68 27.29 21.11
N LEU A 296 4.79 27.56 21.82
CA LEU A 296 5.43 28.87 21.83
C LEU A 296 6.90 28.75 21.50
N SER A 297 7.43 29.69 20.71
CA SER A 297 8.86 29.82 20.54
C SER A 297 9.58 30.15 21.84
N HIS A 298 10.90 29.97 21.86
CA HIS A 298 11.66 30.22 23.09
C HIS A 298 11.44 31.61 23.63
N ASN A 299 11.42 32.59 22.75
CA ASN A 299 11.31 33.98 23.19
C ASN A 299 9.88 34.31 23.63
N GLN A 300 8.95 33.42 23.34
CA GLN A 300 7.58 33.61 23.74
C GLN A 300 7.18 32.65 24.84
N LYS A 301 8.16 31.93 25.40
CA LYS A 301 7.85 30.82 26.28
C LYS A 301 7.01 31.19 27.50
N ASP A 302 7.09 32.42 27.95
CA ASP A 302 6.37 32.78 29.15
C ASP A 302 5.02 33.41 28.85
N SER A 303 4.72 33.62 27.56
CA SER A 303 3.47 34.26 27.16
C SER A 303 2.25 33.39 27.47
N ARG A 304 1.18 34.02 27.96
CA ARG A 304 -0.09 33.35 28.06
C ARG A 304 -1.06 33.89 27.00
N ASP A 305 -0.51 34.61 26.05
CA ASP A 305 -1.30 35.18 24.95
C ASP A 305 -1.42 34.20 23.78
N ILE A 306 -2.63 33.72 23.53
CA ILE A 306 -2.81 32.68 22.52
C ILE A 306 -2.40 33.16 21.13
N ALA A 307 -2.45 34.48 20.91
CA ALA A 307 -2.12 34.96 19.58
C ALA A 307 -0.60 34.96 19.38
N HIS A 308 0.16 34.65 20.43
CA HIS A 308 1.62 34.49 20.35
C HIS A 308 2.03 33.04 20.12
N SER A 309 1.03 32.17 20.08
CA SER A 309 1.21 30.74 19.91
C SER A 309 0.86 30.31 18.50
N PHE A 310 1.19 29.07 18.17
CA PHE A 310 0.82 28.49 16.88
C PHE A 310 0.70 26.96 16.97
N MET A 311 -0.12 26.36 16.11
CA MET A 311 -0.17 24.89 15.95
C MET A 311 1.04 24.43 15.11
N LEU A 312 1.80 23.46 15.62
CA LEU A 312 2.91 22.88 14.85
C LEU A 312 2.50 22.54 13.40
N SER A 313 1.28 22.00 13.24
CA SER A 313 0.79 21.65 11.89
C SER A 313 0.62 22.84 10.95
N ASP A 314 0.50 24.03 11.51
CA ASP A 314 0.46 25.23 10.68
C ASP A 314 1.80 25.63 10.07
N VAL A 315 2.88 25.05 10.60
CA VAL A 315 4.22 25.29 10.06
C VAL A 315 4.86 24.06 9.35
N TYR A 316 4.19 22.90 9.38
CA TYR A 316 4.75 21.71 8.72
C TYR A 316 5.05 21.97 7.24
N ALA A 317 4.14 22.62 6.53
CA ALA A 317 4.34 22.88 5.11
C ALA A 317 5.59 23.69 4.86
N GLU A 318 5.85 24.72 5.68
CA GLU A 318 7.05 25.53 5.49
C GLU A 318 8.29 24.69 5.81
N PHE A 319 8.24 24.02 6.96
CA PHE A 319 9.34 23.14 7.34
C PHE A 319 9.69 22.16 6.21
N LEU A 320 8.66 21.46 5.69
CA LEU A 320 8.86 20.54 4.59
C LEU A 320 9.44 21.17 3.34
N ASN A 321 8.96 22.36 3.01
CA ASN A 321 9.44 23.01 1.83
C ASN A 321 10.92 23.33 1.99
N LYS A 322 11.34 23.64 3.22
CA LYS A 322 12.74 23.95 3.49
C LYS A 322 13.58 22.68 3.39
N MET A 323 13.07 21.57 3.93
CA MET A 323 13.70 20.24 3.75
C MET A 323 13.90 19.84 2.29
N LYS A 324 12.88 20.05 1.44
CA LYS A 324 12.99 19.78 0.01
C LYS A 324 14.11 20.58 -0.64
N GLU A 325 14.13 21.86 -0.32
CA GLU A 325 15.12 22.78 -0.85
C GLU A 325 16.54 22.40 -0.45
N LYS A 326 16.70 21.92 0.79
CA LYS A 326 18.02 21.50 1.32
C LYS A 326 18.41 20.05 1.06
N LEU A 327 17.45 19.29 0.53
CA LEU A 327 17.63 17.87 0.17
C LEU A 327 17.06 17.59 -1.24
N PRO A 328 17.51 18.35 -2.26
CA PRO A 328 16.86 18.38 -3.58
C PRO A 328 16.85 17.07 -4.39
N GLN A 329 17.86 16.21 -4.23
CA GLN A 329 17.85 14.97 -4.97
C GLN A 329 17.10 13.86 -4.21
N TYR A 330 16.46 14.17 -3.08
CA TYR A 330 15.92 13.11 -2.21
C TYR A 330 14.42 13.18 -2.19
N TYR A 331 13.76 12.04 -2.04
CA TYR A 331 12.29 12.06 -1.85
C TYR A 331 11.91 12.42 -0.44
N LEU A 332 10.77 13.10 -0.30
CA LEU A 332 10.36 13.53 1.03
C LEU A 332 8.86 13.31 1.23
N THR A 333 8.51 12.79 2.41
CA THR A 333 7.13 12.69 2.81
C THR A 333 7.03 12.79 4.33
N LEU A 334 5.84 13.14 4.79
CA LEU A 334 5.57 13.24 6.24
C LEU A 334 4.28 12.56 6.59
N ASN A 335 4.38 11.58 7.48
CA ASN A 335 3.18 10.90 7.98
C ASN A 335 2.22 11.89 8.61
N ASP A 336 1.02 11.99 8.06
CA ASP A 336 -0.02 12.88 8.61
C ASP A 336 -1.04 11.95 9.27
N VAL A 337 -0.91 11.78 10.58
CA VAL A 337 -1.67 10.78 11.30
C VAL A 337 -3.16 11.13 11.17
N ASN A 338 -3.95 10.15 10.79
CA ASN A 338 -5.37 10.33 10.55
C ASN A 338 -5.71 11.30 9.44
N GLY A 339 -4.69 11.74 8.70
CA GLY A 339 -4.90 12.65 7.55
C GLY A 339 -5.55 13.97 7.93
N GLU A 340 -5.33 14.41 9.17
CA GLU A 340 -5.92 15.61 9.77
C GLU A 340 -5.56 16.92 9.08
N ASN A 341 -4.46 16.94 8.34
CA ASN A 341 -3.95 18.21 7.86
C ASN A 341 -3.74 18.34 6.34
N ILE A 342 -4.52 17.62 5.53
CA ILE A 342 -4.28 17.71 4.07
C ILE A 342 -4.46 19.09 3.50
N SER A 343 -5.47 19.84 3.93
CA SER A 343 -5.63 21.21 3.44
C SER A 343 -4.41 22.08 3.81
N LYS A 344 -3.87 21.88 5.03
CA LYS A 344 -2.64 22.61 5.43
C LYS A 344 -1.44 22.21 4.57
N LEU A 345 -1.37 20.94 4.20
CA LEU A 345 -0.19 20.40 3.57
C LEU A 345 -0.28 20.31 2.06
N ALA A 346 -1.42 20.73 1.50
CA ALA A 346 -1.70 20.54 0.07
C ALA A 346 -0.63 21.09 -0.86
N ASN A 347 -0.05 22.24 -0.53
CA ASN A 347 0.98 22.84 -1.38
C ASN A 347 2.45 22.57 -0.98
N SER A 348 2.64 21.80 0.10
CA SER A 348 3.98 21.38 0.50
C SER A 348 4.62 20.52 -0.60
N LYS A 349 5.93 20.57 -0.71
CA LYS A 349 6.63 19.82 -1.76
C LYS A 349 6.98 18.38 -1.32
N GLN A 350 5.99 17.70 -0.77
CA GLN A 350 6.07 16.26 -0.52
C GLN A 350 6.02 15.56 -1.87
N ASP A 351 6.89 14.57 -2.04
CA ASP A 351 6.84 13.74 -3.23
C ASP A 351 5.69 12.76 -3.29
N VAL A 352 5.29 12.23 -2.11
CA VAL A 352 4.15 11.31 -1.94
C VAL A 352 3.38 11.75 -0.72
N ILE A 353 2.08 11.45 -0.70
CA ILE A 353 1.27 11.59 0.46
C ILE A 353 1.10 10.26 1.20
N TYR A 354 1.40 10.33 2.49
CA TYR A 354 1.35 9.16 3.38
C TYR A 354 0.49 9.51 4.60
N ASN A 355 -0.59 8.76 4.84
CA ASN A 355 -1.36 8.95 6.07
C ASN A 355 -1.47 7.62 6.79
N GLU A 356 -1.04 7.58 8.04
CA GLU A 356 -1.39 6.48 8.93
C GLU A 356 -2.82 6.69 9.46
N LEU A 357 -3.73 5.76 9.18
CA LEU A 357 -5.12 5.96 9.60
C LEU A 357 -5.55 4.97 10.65
N TRP A 358 -6.26 5.51 11.63
CA TRP A 358 -6.82 4.75 12.75
C TRP A 358 -8.33 4.90 12.77
N PRO A 359 -9.03 3.85 13.22
CA PRO A 359 -10.52 3.83 13.27
C PRO A 359 -11.12 4.96 14.11
N PHE A 360 -10.33 5.48 15.08
CA PHE A 360 -10.78 6.54 15.98
C PHE A 360 -10.50 7.95 15.47
N GLY A 361 -9.78 8.09 14.35
CA GLY A 361 -9.68 9.41 13.75
C GLY A 361 -11.04 9.85 13.20
N THR A 362 -11.18 11.14 12.92
CA THR A 362 -12.41 11.67 12.32
C THR A 362 -12.41 11.37 10.81
N SER A 363 -13.52 10.83 10.33
CA SER A 363 -13.67 10.56 8.89
C SER A 363 -13.67 11.83 8.06
N ALA A 364 -13.02 11.76 6.88
CA ALA A 364 -13.21 12.78 5.85
C ALA A 364 -14.67 12.95 5.46
N LEU A 365 -15.50 11.99 5.86
CA LEU A 365 -16.92 12.08 5.56
C LEU A 365 -17.66 13.13 6.40
N GLY A 366 -17.21 13.34 7.62
CA GLY A 366 -17.87 14.30 8.48
C GLY A 366 -17.72 13.78 9.87
N ASN A 367 -18.78 13.94 10.67
CA ASN A 367 -18.73 13.65 12.10
C ASN A 367 -19.03 12.22 12.48
N ARG A 368 -18.02 11.39 12.24
CA ARG A 368 -18.10 9.98 12.47
C ARG A 368 -16.66 9.47 12.53
N PRO A 369 -16.43 8.36 13.23
CA PRO A 369 -15.06 7.79 13.27
C PRO A 369 -14.70 7.22 11.90
N GLN A 370 -13.39 7.14 11.67
CA GLN A 370 -12.81 6.65 10.45
C GLN A 370 -12.77 5.11 10.44
N GLU A 371 -13.91 4.48 10.77
CA GLU A 371 -13.91 3.04 11.10
C GLU A 371 -14.27 2.08 9.97
N SER A 372 -14.85 2.59 8.89
CA SER A 372 -15.36 1.69 7.88
C SER A 372 -14.56 1.82 6.57
N TYR A 373 -14.74 0.87 5.67
CA TYR A 373 -14.13 0.89 4.33
C TYR A 373 -14.47 2.17 3.60
N GLY A 374 -15.70 2.68 3.77
CA GLY A 374 -16.08 3.92 3.10
C GLY A 374 -15.26 5.10 3.61
N ASP A 375 -14.88 5.10 4.90
CA ASP A 375 -14.05 6.16 5.43
C ASP A 375 -12.64 6.16 4.81
N LEU A 376 -12.17 4.97 4.45
CA LEU A 376 -10.84 4.89 3.80
C LEU A 376 -10.92 5.50 2.40
N LYS A 377 -12.02 5.21 1.70
CA LYS A 377 -12.21 5.79 0.36
C LYS A 377 -12.26 7.31 0.42
N ALA A 378 -12.94 7.80 1.46
CA ALA A 378 -13.21 9.24 1.56
C ALA A 378 -11.92 10.01 1.75
N ARG A 379 -10.96 9.41 2.44
CA ARG A 379 -9.71 10.06 2.74
C ARG A 379 -8.83 9.99 1.51
N VAL A 380 -8.82 8.86 0.83
CA VAL A 380 -8.17 8.74 -0.47
C VAL A 380 -8.69 9.82 -1.42
N ASP A 381 -10.01 9.98 -1.52
CA ASP A 381 -10.61 11.00 -2.42
C ASP A 381 -10.23 12.41 -2.01
N GLN A 382 -10.25 12.69 -0.67
CA GLN A 382 -9.90 14.02 -0.16
C GLN A 382 -8.45 14.40 -0.58
N VAL A 383 -7.52 13.47 -0.41
CA VAL A 383 -6.14 13.71 -0.82
C VAL A 383 -6.04 13.95 -2.33
N ARG A 384 -6.73 13.14 -3.11
CA ARG A 384 -6.72 13.29 -4.57
C ARG A 384 -7.24 14.67 -4.98
N GLN A 385 -8.32 15.10 -4.34
CA GLN A 385 -8.93 16.40 -4.60
C GLN A 385 -7.99 17.57 -4.26
N ALA A 386 -7.31 17.47 -3.11
CA ALA A 386 -6.40 18.51 -2.66
C ALA A 386 -5.06 18.55 -3.39
N THR A 387 -4.55 17.40 -3.84
CA THR A 387 -3.17 17.35 -4.33
C THR A 387 -2.99 16.74 -5.69
N GLY A 388 -3.96 15.95 -6.13
CA GLY A 388 -3.88 15.19 -7.39
C GLY A 388 -3.06 13.92 -7.24
N LYS A 389 -2.73 13.57 -6.00
CA LYS A 389 -1.82 12.46 -5.74
C LYS A 389 -2.59 11.31 -5.15
N SER A 390 -2.11 10.10 -5.40
CA SER A 390 -2.65 8.89 -4.82
C SER A 390 -2.14 8.68 -3.35
N LEU A 391 -3.09 8.66 -2.40
CA LEU A 391 -2.79 8.49 -1.01
C LEU A 391 -2.17 7.13 -0.68
N ILE A 392 -1.00 7.14 -0.05
CA ILE A 392 -0.50 5.91 0.55
C ILE A 392 -1.07 5.78 1.99
N VAL A 393 -1.70 4.67 2.30
CA VAL A 393 -2.43 4.56 3.57
C VAL A 393 -1.79 3.50 4.41
N GLY A 394 -1.45 3.87 5.64
CA GLY A 394 -1.07 2.89 6.69
C GLY A 394 -2.33 2.55 7.44
N ALA A 395 -2.82 1.32 7.27
CA ALA A 395 -4.05 0.94 7.99
C ALA A 395 -3.81 -0.41 8.55
N TYR A 396 -3.23 -0.45 9.74
CA TYR A 396 -2.70 -1.72 10.26
C TYR A 396 -3.84 -2.62 10.70
N MET A 397 -3.71 -3.90 10.35
CA MET A 397 -4.78 -4.84 10.40
C MET A 397 -4.86 -5.57 11.74
N GLU A 398 -6.04 -5.50 12.38
CA GLU A 398 -6.45 -6.34 13.54
C GLU A 398 -5.87 -5.88 14.87
N GLU A 399 -4.55 -5.70 14.89
CA GLU A 399 -3.83 -5.25 16.08
C GLU A 399 -4.29 -5.98 17.38
N PRO A 400 -3.97 -7.26 17.50
CA PRO A 400 -4.33 -7.91 18.77
C PRO A 400 -3.76 -7.15 19.97
N LYS A 401 -4.57 -6.92 21.01
CA LYS A 401 -4.08 -6.28 22.27
C LYS A 401 -4.41 -7.09 23.52
N PHE A 402 -3.47 -7.12 24.45
CA PHE A 402 -3.63 -7.83 25.74
C PHE A 402 -3.51 -6.92 26.95
N ASP A 403 -4.22 -7.27 28.01
CA ASP A 403 -3.93 -6.72 29.34
C ASP A 403 -2.73 -7.45 29.97
N ASP A 404 -2.49 -7.16 31.25
CA ASP A 404 -1.32 -7.63 31.99
C ASP A 404 -1.34 -9.13 32.33
N ASN A 405 -2.54 -9.65 32.55
CA ASN A 405 -2.77 -11.10 32.75
C ASN A 405 -2.85 -11.85 31.40
N ARG A 406 -2.33 -11.21 30.34
CA ARG A 406 -2.52 -11.65 28.95
C ARG A 406 -3.97 -11.97 28.66
N ILE A 407 -4.88 -11.17 29.22
CA ILE A 407 -6.29 -11.37 28.90
C ILE A 407 -6.47 -10.56 27.62
N PRO A 408 -7.14 -11.15 26.63
CA PRO A 408 -7.30 -10.45 25.35
C PRO A 408 -8.22 -9.27 25.52
N LEU A 409 -7.83 -8.12 24.98
CA LEU A 409 -8.69 -6.95 25.04
C LEU A 409 -9.56 -6.83 23.79
N ASN A 410 -9.26 -7.68 22.80
CA ASN A 410 -10.05 -7.86 21.59
C ASN A 410 -10.04 -9.29 21.04
N GLY A 411 -10.97 -9.54 20.11
CA GLY A 411 -11.06 -10.83 19.47
C GLY A 411 -9.78 -11.28 18.77
N ALA A 412 -9.08 -10.36 18.13
CA ALA A 412 -7.79 -10.73 17.48
C ALA A 412 -6.79 -11.32 18.48
N ALA A 413 -6.80 -10.77 19.69
CA ALA A 413 -5.94 -11.28 20.77
C ALA A 413 -6.28 -12.73 21.18
N ARG A 414 -7.57 -13.06 21.13
CA ARG A 414 -8.05 -14.45 21.30
C ARG A 414 -7.56 -15.38 20.18
N ASP A 415 -7.53 -14.89 18.96
CA ASP A 415 -6.88 -15.59 17.85
C ASP A 415 -5.39 -15.80 18.12
N VAL A 416 -4.72 -14.79 18.65
CA VAL A 416 -3.29 -14.92 18.97
C VAL A 416 -3.06 -16.08 19.97
N LEU A 417 -3.88 -16.14 21.01
CA LEU A 417 -3.79 -17.19 22.03
C LEU A 417 -4.01 -18.59 21.46
N ALA A 418 -4.82 -18.65 20.39
CA ALA A 418 -5.09 -19.89 19.68
C ALA A 418 -4.12 -20.18 18.52
N SER A 419 -3.06 -19.39 18.40
CA SER A 419 -2.07 -19.59 17.34
C SER A 419 -2.69 -19.51 15.95
N ALA A 420 -3.70 -18.66 15.82
CA ALA A 420 -4.44 -18.56 14.57
C ALA A 420 -3.68 -17.68 13.57
N THR A 421 -4.26 -17.54 12.38
CA THR A 421 -3.68 -16.70 11.32
C THR A 421 -4.31 -15.30 11.33
N TYR A 422 -3.74 -14.35 10.58
CA TYR A 422 -4.54 -13.16 10.19
C TYR A 422 -5.80 -13.59 9.43
N GLN A 423 -6.90 -12.83 9.56
CA GLN A 423 -8.08 -13.20 8.83
C GLN A 423 -7.88 -12.73 7.39
N THR A 424 -7.62 -13.69 6.53
CA THR A 424 -7.18 -13.40 5.15
C THR A 424 -8.10 -12.40 4.46
N ASP A 425 -9.41 -12.71 4.40
CA ASP A 425 -10.33 -11.77 3.67
C ASP A 425 -10.47 -10.38 4.29
N ALA A 426 -10.32 -10.28 5.62
CA ALA A 426 -10.26 -8.96 6.27
C ALA A 426 -9.15 -8.06 5.71
N VAL A 427 -7.95 -8.65 5.59
CA VAL A 427 -6.83 -7.90 5.12
C VAL A 427 -7.09 -7.51 3.68
N LEU A 428 -7.61 -8.44 2.92
CA LEU A 428 -7.75 -8.26 1.47
C LEU A 428 -8.80 -7.23 1.17
N LEU A 429 -9.89 -7.23 1.95
CA LEU A 429 -10.94 -6.22 1.79
C LEU A 429 -10.48 -4.81 2.10
N THR A 430 -9.52 -4.69 3.01
CA THR A 430 -9.02 -3.36 3.37
C THR A 430 -8.09 -2.90 2.21
N THR A 431 -7.27 -3.81 1.71
CA THR A 431 -6.40 -3.46 0.60
C THR A 431 -7.26 -3.11 -0.63
N ALA A 432 -8.30 -3.90 -0.86
CA ALA A 432 -9.27 -3.59 -1.95
C ALA A 432 -9.95 -2.22 -1.83
N ALA A 433 -10.43 -1.90 -0.62
CA ALA A 433 -11.11 -0.62 -0.40
C ALA A 433 -10.22 0.61 -0.74
N ILE A 434 -8.94 0.55 -0.32
CA ILE A 434 -7.99 1.62 -0.53
C ILE A 434 -7.61 1.73 -2.03
N ALA A 435 -7.36 0.58 -2.65
CA ALA A 435 -6.91 0.53 -4.05
C ALA A 435 -8.02 0.96 -5.02
N ALA A 436 -9.23 0.45 -4.79
CA ALA A 436 -10.38 0.68 -5.66
C ALA A 436 -10.68 2.17 -5.59
N ALA A 437 -10.48 2.78 -4.41
CA ALA A 437 -10.60 4.24 -4.29
C ALA A 437 -9.56 5.07 -5.02
N GLY A 438 -8.43 4.47 -5.41
CA GLY A 438 -7.38 5.21 -6.09
C GLY A 438 -6.12 5.39 -5.24
N GLY A 439 -6.01 4.64 -4.15
CA GLY A 439 -4.87 4.79 -3.23
C GLY A 439 -4.03 3.52 -3.22
N TYR A 440 -3.15 3.39 -2.21
CA TYR A 440 -2.36 2.19 -2.02
C TYR A 440 -2.19 1.86 -0.51
N HIS A 441 -2.49 0.62 -0.15
CA HIS A 441 -2.46 0.18 1.22
C HIS A 441 -1.02 -0.35 1.49
N MET A 442 -0.23 0.37 2.27
CA MET A 442 1.09 -0.07 2.70
C MET A 442 0.89 -1.04 3.84
N SER A 443 0.95 -2.31 3.46
CA SER A 443 0.49 -3.37 4.31
C SER A 443 1.57 -4.45 4.36
N LEU A 444 2.34 -4.57 3.29
CA LEU A 444 3.36 -5.67 3.20
C LEU A 444 4.69 -5.34 3.89
N ALA A 445 5.36 -6.35 4.47
CA ALA A 445 6.55 -6.08 5.31
C ALA A 445 7.58 -7.17 5.21
N ALA A 446 8.87 -6.80 5.17
CA ALA A 446 9.97 -7.78 5.19
C ALA A 446 10.62 -7.64 6.54
N LEU A 447 10.33 -8.59 7.41
CA LEU A 447 10.60 -8.47 8.82
C LEU A 447 11.40 -9.67 9.34
N ALA A 448 11.93 -10.50 8.43
CA ALA A 448 12.60 -11.76 8.82
C ALA A 448 11.89 -12.51 9.98
N ASN A 449 10.57 -12.70 9.86
CA ASN A 449 9.73 -13.13 10.98
C ASN A 449 9.11 -14.46 10.62
N PRO A 450 9.28 -15.48 11.48
CA PRO A 450 8.82 -16.83 11.16
C PRO A 450 7.29 -16.99 11.16
N ASN A 451 6.56 -16.10 11.83
CA ASN A 451 5.08 -16.10 11.71
C ASN A 451 4.58 -15.75 10.30
N ASP A 452 5.51 -15.23 9.49
CA ASP A 452 5.25 -14.92 8.09
C ASP A 452 5.43 -16.16 7.18
N GLY A 453 5.79 -17.29 7.80
CA GLY A 453 5.83 -18.59 7.09
C GLY A 453 6.53 -18.59 5.73
N GLY A 454 7.68 -17.93 5.62
CA GLY A 454 8.39 -17.91 4.35
C GLY A 454 7.90 -16.85 3.38
N GLY A 455 6.73 -16.26 3.64
CA GLY A 455 6.18 -15.18 2.80
C GLY A 455 6.48 -13.78 3.34
N VAL A 456 5.67 -12.81 2.96
CA VAL A 456 5.85 -11.47 3.46
C VAL A 456 4.86 -11.21 4.58
N GLY A 457 5.26 -10.40 5.54
CA GLY A 457 4.40 -10.05 6.65
C GLY A 457 3.29 -9.08 6.29
N VAL A 458 2.36 -8.94 7.22
CA VAL A 458 1.29 -7.93 7.11
C VAL A 458 1.33 -7.06 8.36
N LEU A 459 1.42 -5.76 8.16
CA LEU A 459 1.45 -4.81 9.27
C LEU A 459 0.18 -4.88 10.17
N GLU A 460 0.44 -5.06 11.47
CA GLU A 460 -0.67 -5.27 12.43
C GLU A 460 -0.70 -4.15 13.45
N THR A 461 0.41 -3.43 13.53
CA THR A 461 0.52 -2.37 14.51
C THR A 461 1.53 -1.32 14.11
N ALA A 462 1.49 -0.16 14.78
CA ALA A 462 2.47 0.89 14.61
C ALA A 462 3.92 0.40 14.67
N TYR A 463 4.21 -0.48 15.63
CA TYR A 463 5.54 -1.08 15.76
C TYR A 463 5.65 -2.21 14.78
N TYR A 464 6.12 -1.88 13.56
CA TYR A 464 6.05 -2.79 12.44
C TYR A 464 6.63 -4.21 12.71
N PRO A 465 7.75 -4.34 13.49
CA PRO A 465 8.34 -5.71 13.65
C PRO A 465 7.44 -6.73 14.32
N THR A 466 6.43 -6.26 15.06
CA THR A 466 5.47 -7.18 15.70
C THR A 466 4.59 -7.98 14.73
N GLN A 467 4.68 -9.33 14.82
CA GLN A 467 3.82 -10.27 14.10
C GLN A 467 3.27 -11.31 15.08
N SER A 468 2.07 -11.04 15.60
CA SER A 468 1.45 -11.90 16.61
C SER A 468 0.64 -13.02 16.00
N LEU A 469 0.31 -12.90 14.72
CA LEU A 469 -0.55 -13.86 14.03
C LEU A 469 0.22 -14.38 12.83
N LYS A 470 -0.14 -15.58 12.34
CA LYS A 470 0.56 -16.18 11.19
C LYS A 470 -0.02 -15.65 9.87
N VAL A 471 0.83 -15.54 8.85
CA VAL A 471 0.32 -15.25 7.49
C VAL A 471 0.10 -16.61 6.82
N SER A 472 -1.16 -16.98 6.58
CA SER A 472 -1.45 -18.22 5.91
C SER A 472 -0.87 -18.14 4.49
N LYS A 473 -0.62 -19.30 3.91
CA LYS A 473 -0.12 -19.36 2.57
C LYS A 473 -1.22 -18.88 1.66
N GLU A 474 -2.47 -19.06 2.10
CA GLU A 474 -3.59 -18.49 1.35
C GLU A 474 -3.50 -16.97 1.31
N LEU A 475 -3.30 -16.33 2.46
CA LEU A 475 -3.11 -14.88 2.43
C LEU A 475 -1.89 -14.45 1.59
N ASN A 476 -0.75 -15.15 1.77
CA ASN A 476 0.40 -14.81 0.97
C ASN A 476 0.09 -14.82 -0.54
N ARG A 477 -0.64 -15.81 -1.01
CA ARG A 477 -0.84 -16.03 -2.40
C ARG A 477 -1.86 -15.00 -2.92
N LYS A 478 -2.92 -14.74 -2.16
CA LYS A 478 -3.87 -13.68 -2.57
C LYS A 478 -3.31 -12.24 -2.47
N ASN A 479 -2.36 -12.02 -1.54
CA ASN A 479 -1.70 -10.72 -1.46
C ASN A 479 -0.94 -10.48 -2.74
N TYR A 480 -0.27 -11.52 -3.19
CA TYR A 480 0.47 -11.44 -4.46
C TYR A 480 -0.50 -11.16 -5.63
N HIS A 481 -1.62 -11.86 -5.66
CA HIS A 481 -2.61 -11.60 -6.72
C HIS A 481 -3.09 -10.18 -6.68
N TYR A 482 -3.35 -9.71 -5.46
CA TYR A 482 -3.79 -8.33 -5.26
C TYR A 482 -2.76 -7.30 -5.70
N GLN A 483 -1.49 -7.53 -5.39
CA GLN A 483 -0.50 -6.60 -5.87
C GLN A 483 -0.45 -6.57 -7.40
N GLN A 484 -0.63 -7.71 -8.08
CA GLN A 484 -0.52 -7.71 -9.56
C GLN A 484 -1.66 -6.84 -10.14
N PHE A 485 -2.82 -6.93 -9.49
CA PHE A 485 -4.03 -6.26 -9.96
C PHE A 485 -3.82 -4.77 -9.82
N ILE A 486 -3.29 -4.41 -8.65
CA ILE A 486 -3.10 -2.99 -8.31
C ILE A 486 -2.10 -2.32 -9.24
N THR A 487 -1.11 -3.09 -9.71
CA THR A 487 -0.13 -2.62 -10.67
C THR A 487 -0.68 -2.63 -12.09
N ALA A 488 -1.25 -3.75 -12.50
CA ALA A 488 -1.67 -3.97 -13.88
C ALA A 488 -2.81 -3.02 -14.27
N TYR A 489 -3.66 -2.69 -13.31
CA TYR A 489 -4.72 -1.74 -13.57
C TYR A 489 -4.58 -0.35 -12.97
N GLU A 490 -3.36 0.06 -12.61
CA GLU A 490 -3.15 1.43 -12.07
C GLU A 490 -3.74 2.60 -12.92
N ASN A 491 -3.70 2.48 -14.26
CA ASN A 491 -4.19 3.55 -15.15
C ASN A 491 -5.73 3.68 -15.11
N LEU A 492 -6.43 2.62 -14.68
CA LEU A 492 -7.88 2.65 -14.45
C LEU A 492 -8.26 3.04 -13.05
N LEU A 493 -7.35 2.74 -12.09
CA LEU A 493 -7.61 3.00 -10.65
C LEU A 493 -7.20 4.39 -10.19
N ARG A 494 -6.05 4.88 -10.69
CA ARG A 494 -5.44 6.10 -10.15
C ARG A 494 -4.62 6.90 -11.18
N ASP A 495 -5.07 7.00 -12.44
CA ASP A 495 -4.34 7.85 -13.38
C ASP A 495 -5.37 8.78 -14.05
N LYS A 496 -5.53 9.99 -13.50
CA LYS A 496 -6.55 10.98 -13.92
C LYS A 496 -7.94 10.38 -13.94
N VAL A 497 -8.26 9.72 -12.82
CA VAL A 497 -9.53 9.04 -12.63
C VAL A 497 -10.19 9.71 -11.43
N GLU A 498 -11.45 10.15 -11.59
CA GLU A 498 -12.20 10.84 -10.51
C GLU A 498 -13.51 10.15 -10.15
N ASN A 499 -14.11 10.53 -9.03
CA ASN A 499 -15.45 10.05 -8.72
C ASN A 499 -16.38 10.46 -9.83
N ASP A 500 -17.36 9.62 -10.07
CA ASP A 500 -18.38 9.80 -11.07
C ASP A 500 -19.74 10.01 -10.40
N SER A 501 -20.45 11.07 -10.78
CA SER A 501 -21.80 11.31 -10.20
C SER A 501 -22.84 10.29 -10.66
N ALA A 502 -22.61 9.62 -11.79
CA ALA A 502 -23.52 8.53 -12.21
C ALA A 502 -23.54 7.44 -11.15
N GLU A 503 -24.75 6.93 -10.88
CA GLU A 503 -24.97 5.99 -9.80
C GLU A 503 -25.33 4.57 -10.26
N PRO A 504 -24.31 3.66 -10.33
CA PRO A 504 -24.48 2.27 -10.66
C PRO A 504 -25.16 1.53 -9.53
N GLN A 505 -25.91 0.49 -9.88
CA GLN A 505 -26.54 -0.37 -8.87
C GLN A 505 -26.34 -1.82 -9.24
N THR A 506 -26.49 -2.67 -8.22
CA THR A 506 -26.20 -4.07 -8.29
C THR A 506 -27.38 -4.87 -7.74
N PHE A 507 -27.80 -5.84 -8.52
CA PHE A 507 -28.94 -6.70 -8.26
C PHE A 507 -28.54 -8.15 -8.44
N THR A 508 -29.24 -9.03 -7.74
CA THR A 508 -29.23 -10.45 -8.04
C THR A 508 -30.17 -10.72 -9.18
N ALA A 509 -30.18 -11.98 -9.62
CA ALA A 509 -31.06 -12.45 -10.69
C ALA A 509 -32.51 -12.55 -10.21
N ASN A 510 -32.71 -12.56 -8.89
CA ASN A 510 -34.02 -12.83 -8.32
C ASN A 510 -34.70 -11.70 -7.54
N GLY A 511 -34.40 -10.45 -7.88
CA GLY A 511 -35.16 -9.30 -7.34
C GLY A 511 -34.56 -8.47 -6.20
N ARG A 512 -33.36 -8.80 -5.73
CA ARG A 512 -32.81 -8.05 -4.63
C ARG A 512 -31.90 -6.99 -5.21
N GLN A 513 -32.01 -5.76 -4.71
CA GLN A 513 -30.96 -4.78 -4.93
C GLN A 513 -29.93 -4.99 -3.82
N LEU A 514 -28.67 -5.26 -4.22
CA LEU A 514 -27.57 -5.49 -3.26
C LEU A 514 -26.80 -4.25 -2.88
N SER A 515 -26.78 -3.27 -3.76
CA SER A 515 -26.16 -1.98 -3.48
C SER A 515 -27.09 -1.06 -2.69
N GLN A 516 -26.66 -0.75 -1.45
CA GLN A 516 -27.54 -0.12 -0.48
C GLN A 516 -26.98 1.19 0.04
N ASP A 517 -25.66 1.32 0.10
CA ASP A 517 -25.05 2.52 0.66
C ASP A 517 -23.76 2.82 -0.11
N ALA A 518 -23.86 3.75 -1.08
CA ALA A 518 -22.71 4.05 -1.95
C ALA A 518 -21.53 4.64 -1.18
N LEU A 519 -21.72 5.05 0.06
CA LEU A 519 -20.59 5.61 0.82
C LEU A 519 -19.70 4.54 1.43
N GLY A 520 -20.20 3.31 1.46
CA GLY A 520 -19.37 2.24 2.00
C GLY A 520 -19.36 2.22 3.52
N ILE A 521 -20.35 2.87 4.13
CA ILE A 521 -20.31 2.88 5.59
C ILE A 521 -21.10 1.75 6.23
N ASN A 522 -22.11 1.26 5.53
CA ASN A 522 -22.77 0.03 5.93
C ASN A 522 -22.25 -1.20 5.28
N GLY A 523 -22.27 -2.29 6.05
CA GLY A 523 -21.98 -3.65 5.55
C GLY A 523 -23.21 -4.28 4.93
N ASP A 524 -23.13 -5.61 4.74
CA ASP A 524 -24.19 -6.45 4.13
C ASP A 524 -24.70 -5.87 2.82
N GLN A 525 -23.79 -5.59 1.88
CA GLN A 525 -24.22 -5.04 0.61
C GLN A 525 -23.11 -5.34 -0.40
N VAL A 526 -23.41 -5.13 -1.67
CA VAL A 526 -22.33 -5.08 -2.67
C VAL A 526 -22.08 -3.59 -2.84
N TRP A 527 -20.95 -3.12 -2.29
CA TRP A 527 -20.66 -1.71 -2.32
C TRP A 527 -20.24 -1.34 -3.74
N THR A 528 -21.00 -0.42 -4.35
CA THR A 528 -21.01 -0.22 -5.81
C THR A 528 -20.93 1.30 -6.08
N TYR A 529 -19.88 1.75 -6.78
CA TYR A 529 -19.72 3.14 -7.13
C TYR A 529 -18.92 3.23 -8.44
N ALA A 530 -19.06 4.34 -9.18
CA ALA A 530 -18.35 4.50 -10.46
C ALA A 530 -17.21 5.49 -10.36
N LYS A 531 -16.20 5.32 -11.22
CA LYS A 531 -15.21 6.34 -11.42
C LYS A 531 -15.15 6.69 -12.94
N LYS A 532 -14.53 7.82 -13.24
CA LYS A 532 -14.50 8.41 -14.57
C LYS A 532 -13.06 8.79 -14.91
N GLY A 533 -12.57 8.25 -16.04
CA GLY A 533 -11.26 8.61 -16.57
C GLY A 533 -11.49 9.29 -17.91
N ASN A 534 -10.41 9.54 -18.63
CA ASN A 534 -10.49 10.30 -19.89
C ASN A 534 -11.43 9.68 -20.93
N ASP A 535 -11.17 8.42 -21.28
CA ASP A 535 -11.96 7.72 -22.30
C ASP A 535 -12.63 6.43 -21.76
N PHE A 536 -12.90 6.38 -20.45
CA PHE A 536 -13.55 5.22 -19.88
C PHE A 536 -14.29 5.56 -18.61
N ARG A 537 -15.08 4.59 -18.15
CA ARG A 537 -15.63 4.60 -16.81
C ARG A 537 -15.27 3.28 -16.16
N THR A 538 -15.28 3.24 -14.83
CA THR A 538 -15.13 2.00 -14.13
C THR A 538 -16.27 1.88 -13.12
N ILE A 539 -16.59 0.63 -12.74
CA ILE A 539 -17.49 0.38 -11.63
C ILE A 539 -16.81 -0.56 -10.65
N GLN A 540 -16.64 -0.13 -9.41
CA GLN A 540 -16.02 -0.96 -8.38
C GLN A 540 -17.08 -1.73 -7.64
N LEU A 541 -16.98 -3.05 -7.54
CA LEU A 541 -17.88 -3.81 -6.75
C LEU A 541 -17.06 -4.41 -5.61
N LEU A 542 -17.40 -4.05 -4.38
CA LEU A 542 -16.74 -4.62 -3.19
C LEU A 542 -17.77 -5.35 -2.41
N ASN A 543 -17.54 -6.66 -2.29
CA ASN A 543 -18.47 -7.55 -1.69
C ASN A 543 -18.45 -7.48 -0.15
N LEU A 544 -19.51 -6.87 0.38
CA LEU A 544 -19.72 -6.88 1.81
C LEU A 544 -21.04 -7.54 2.18
N MET A 545 -21.51 -8.47 1.35
CA MET A 545 -22.70 -9.28 1.64
C MET A 545 -22.52 -10.16 2.90
N GLY A 546 -23.41 -10.01 3.88
CA GLY A 546 -23.30 -10.74 5.15
C GLY A 546 -22.12 -10.44 6.10
N ILE A 547 -21.38 -9.36 5.83
CA ILE A 547 -20.29 -8.92 6.70
C ILE A 547 -20.40 -7.42 7.04
N THR A 548 -19.79 -7.04 8.16
CA THR A 548 -19.65 -5.66 8.58
C THR A 548 -18.66 -4.88 7.71
N SER A 549 -18.76 -3.55 7.80
CA SER A 549 -17.93 -2.64 7.06
C SER A 549 -16.68 -2.10 7.82
N ASP A 550 -16.39 -2.58 9.04
CA ASP A 550 -15.23 -2.07 9.79
C ASP A 550 -13.96 -2.58 9.10
N TRP A 551 -13.01 -1.70 8.82
CA TRP A 551 -11.82 -2.17 8.04
C TRP A 551 -10.79 -2.90 8.94
N LYS A 552 -10.75 -2.57 10.21
CA LYS A 552 -9.59 -3.01 11.04
C LYS A 552 -9.73 -4.47 11.46
N ASN A 553 -10.97 -4.94 11.59
CA ASN A 553 -11.23 -6.29 12.09
C ASN A 553 -10.52 -6.57 13.43
N GLU A 554 -10.73 -5.70 14.42
CA GLU A 554 -10.12 -5.90 15.75
C GLU A 554 -10.70 -7.16 16.43
N ASP A 555 -11.85 -7.62 15.94
CA ASP A 555 -12.41 -8.85 16.49
C ASP A 555 -11.76 -10.10 16.01
N GLY A 556 -10.87 -9.99 15.00
CA GLY A 556 -10.41 -11.19 14.29
C GLY A 556 -11.50 -12.18 13.83
N TYR A 557 -11.24 -13.46 14.04
CA TYR A 557 -12.17 -14.52 13.59
C TYR A 557 -13.56 -14.54 14.23
N GLU A 558 -13.73 -13.85 15.34
CA GLU A 558 -15.03 -13.72 16.01
C GLU A 558 -16.03 -12.92 15.17
N ASN A 559 -15.50 -12.11 14.25
CA ASN A 559 -16.31 -11.48 13.24
C ASN A 559 -15.82 -11.94 11.87
N ASN A 560 -16.61 -12.83 11.27
CA ASN A 560 -16.29 -13.39 9.97
C ASN A 560 -16.23 -12.30 8.94
N LYS A 561 -15.15 -12.30 8.19
CA LYS A 561 -14.98 -11.30 7.16
C LYS A 561 -15.03 -11.85 5.75
N THR A 562 -15.32 -13.13 5.58
CA THR A 562 -15.52 -13.69 4.25
C THR A 562 -16.98 -13.37 3.83
N PRO A 563 -17.13 -12.55 2.78
CA PRO A 563 -18.48 -12.22 2.41
C PRO A 563 -19.13 -13.33 1.58
N ASP A 564 -20.46 -13.28 1.49
CA ASP A 564 -21.22 -14.26 0.76
C ASP A 564 -20.89 -14.15 -0.71
N GLU A 565 -20.28 -15.21 -1.25
CA GLU A 565 -19.96 -15.22 -2.67
C GLU A 565 -21.20 -15.05 -3.56
N GLN A 566 -21.08 -14.25 -4.61
CA GLN A 566 -22.25 -13.98 -5.49
C GLN A 566 -21.96 -14.45 -6.87
N THR A 567 -23.03 -14.91 -7.55
CA THR A 567 -23.01 -15.35 -8.93
C THR A 567 -24.15 -14.67 -9.76
N ASN A 568 -23.91 -14.47 -11.05
CA ASN A 568 -24.92 -13.90 -12.00
C ASN A 568 -25.64 -12.67 -11.52
N LEU A 569 -24.84 -11.65 -11.25
CA LEU A 569 -25.35 -10.37 -10.82
C LEU A 569 -25.66 -9.49 -12.03
N LEU A 570 -26.57 -8.54 -11.82
CA LEU A 570 -26.86 -7.48 -12.79
C LEU A 570 -26.34 -6.14 -12.23
N VAL A 571 -25.60 -5.42 -13.04
CA VAL A 571 -25.23 -4.07 -12.66
C VAL A 571 -25.80 -3.12 -13.68
N THR A 572 -26.45 -2.06 -13.19
CA THR A 572 -26.96 -1.04 -14.09
C THR A 572 -26.08 0.16 -14.02
N TYR A 573 -25.80 0.77 -15.18
CA TYR A 573 -25.03 1.98 -15.26
C TYR A 573 -25.75 2.90 -16.28
N PRO A 574 -26.24 4.06 -15.83
CA PRO A 574 -26.93 5.03 -16.71
C PRO A 574 -25.95 5.80 -17.59
N LEU A 575 -26.35 6.04 -18.85
CA LEU A 575 -25.56 6.79 -19.81
C LEU A 575 -26.34 8.06 -20.16
N THR A 576 -26.70 8.81 -19.12
CA THR A 576 -27.24 10.19 -19.21
C THR A 576 -26.67 10.96 -20.39
N GLY A 577 -27.53 11.34 -21.34
CA GLY A 577 -27.15 12.22 -22.45
C GLY A 577 -26.29 11.62 -23.54
N VAL A 578 -26.08 10.31 -23.49
CA VAL A 578 -25.36 9.62 -24.53
C VAL A 578 -26.41 9.13 -25.55
N SER A 579 -26.06 9.15 -26.81
CA SER A 579 -26.94 8.67 -27.89
C SER A 579 -26.97 7.14 -27.94
N MET A 580 -28.05 6.61 -28.54
CA MET A 580 -28.23 5.16 -28.65
C MET A 580 -27.08 4.48 -29.38
N ALA A 581 -26.54 5.14 -30.41
CA ALA A 581 -25.43 4.59 -31.16
C ALA A 581 -24.16 4.59 -30.36
N GLU A 582 -23.90 5.65 -29.58
CA GLU A 582 -22.72 5.58 -28.70
C GLU A 582 -22.90 4.51 -27.62
N ALA A 583 -24.10 4.44 -27.04
CA ALA A 583 -24.37 3.44 -26.03
C ALA A 583 -24.21 2.03 -26.57
N ASP A 584 -24.61 1.81 -27.83
CA ASP A 584 -24.48 0.46 -28.41
C ASP A 584 -23.01 0.12 -28.60
N ARG A 585 -22.23 1.09 -29.03
CA ARG A 585 -20.79 0.89 -29.19
C ARG A 585 -20.17 0.52 -27.83
N ILE A 586 -20.55 1.27 -26.80
CA ILE A 586 -20.04 1.07 -25.42
C ILE A 586 -20.40 -0.31 -24.88
N ALA A 587 -21.66 -0.67 -25.10
CA ALA A 587 -22.20 -1.93 -24.62
C ALA A 587 -21.42 -3.12 -25.12
N LYS A 588 -20.76 -2.95 -26.27
CA LYS A 588 -19.89 -4.02 -26.80
C LYS A 588 -18.49 -3.99 -26.22
N GLN A 589 -18.21 -2.95 -25.42
CA GLN A 589 -16.88 -2.72 -24.89
C GLN A 589 -16.91 -2.63 -23.36
N VAL A 590 -17.65 -3.54 -22.73
CA VAL A 590 -17.68 -3.67 -21.26
C VAL A 590 -16.91 -4.91 -20.85
N TYR A 591 -15.95 -4.73 -19.94
CA TYR A 591 -15.08 -5.82 -19.48
C TYR A 591 -15.14 -5.97 -17.96
N LEU A 592 -14.69 -7.10 -17.44
CA LEU A 592 -14.49 -7.24 -16.02
C LEU A 592 -13.12 -7.82 -15.74
N THR A 593 -12.53 -7.41 -14.64
CA THR A 593 -11.36 -8.08 -14.08
C THR A 593 -11.51 -8.18 -12.52
N SER A 594 -10.79 -9.09 -11.88
CA SER A 594 -10.79 -9.20 -10.42
C SER A 594 -9.44 -9.82 -10.03
N PRO A 595 -8.88 -9.46 -8.87
CA PRO A 595 -7.66 -10.13 -8.35
C PRO A 595 -8.00 -11.47 -7.72
N ASP A 596 -9.30 -11.74 -7.56
CA ASP A 596 -9.69 -12.99 -6.90
C ASP A 596 -9.40 -14.21 -7.76
N ASP A 597 -9.36 -15.36 -7.10
CA ASP A 597 -8.84 -16.58 -7.71
C ASP A 597 -9.46 -16.92 -9.06
N TRP A 598 -10.73 -16.59 -9.27
CA TRP A 598 -11.35 -16.99 -10.53
C TRP A 598 -10.81 -16.25 -11.76
N LEU A 599 -10.16 -15.12 -11.55
CA LEU A 599 -9.60 -14.34 -12.68
C LEU A 599 -8.13 -13.99 -12.52
N GLN A 600 -7.69 -13.72 -11.30
CA GLN A 600 -6.27 -13.37 -11.01
C GLN A 600 -5.75 -12.31 -12.02
N SER A 601 -6.56 -11.24 -12.16
CA SER A 601 -6.30 -10.05 -12.99
C SER A 601 -6.64 -10.22 -14.48
N SER A 602 -7.04 -11.40 -14.89
CA SER A 602 -7.53 -11.61 -16.28
C SER A 602 -8.73 -10.71 -16.50
N MET A 603 -8.93 -10.29 -17.76
CA MET A 603 -10.06 -9.46 -18.13
C MET A 603 -10.96 -10.22 -19.08
N ILE A 604 -12.27 -10.19 -18.84
CA ILE A 604 -13.25 -10.86 -19.67
C ILE A 604 -14.32 -9.87 -20.22
N SER A 605 -14.90 -10.17 -21.37
CA SER A 605 -16.01 -9.39 -21.91
C SER A 605 -17.30 -9.79 -21.18
N LEU A 606 -18.15 -8.81 -20.89
CA LEU A 606 -19.42 -9.06 -20.25
C LEU A 606 -20.55 -8.88 -21.26
N ALA A 607 -21.54 -9.75 -21.18
CA ALA A 607 -22.79 -9.58 -21.90
C ALA A 607 -23.49 -8.39 -21.30
N THR A 608 -23.99 -7.52 -22.18
CA THR A 608 -24.61 -6.28 -21.74
C THR A 608 -25.80 -6.00 -22.67
N GLN A 609 -26.85 -5.42 -22.11
CA GLN A 609 -28.00 -4.95 -22.88
C GLN A 609 -28.13 -3.42 -22.70
N VAL A 610 -28.59 -2.73 -23.74
CA VAL A 610 -28.83 -1.31 -23.64
C VAL A 610 -30.34 -1.12 -23.54
N LYS A 611 -30.79 -0.54 -22.44
CA LYS A 611 -32.20 -0.22 -22.26
C LYS A 611 -32.31 1.27 -22.02
N THR A 612 -33.52 1.76 -21.85
CA THR A 612 -33.71 3.18 -21.61
C THR A 612 -34.63 3.39 -20.43
N ASN A 613 -34.67 4.64 -19.95
CA ASN A 613 -35.75 5.11 -19.06
C ASN A 613 -36.94 5.69 -19.87
N GLU A 614 -37.98 6.14 -19.17
CA GLU A 614 -39.16 6.76 -19.79
C GLU A 614 -38.82 7.76 -20.92
N ASN A 615 -37.68 8.43 -20.81
CA ASN A 615 -37.28 9.51 -21.73
C ASN A 615 -36.25 9.13 -22.83
N GLY A 616 -36.17 7.85 -23.19
CA GLY A 616 -35.17 7.38 -24.14
C GLY A 616 -33.70 7.49 -23.74
N ASP A 617 -33.42 7.77 -22.46
CA ASP A 617 -32.02 7.81 -21.94
C ASP A 617 -31.44 6.42 -21.71
N PRO A 618 -30.33 6.10 -22.40
CA PRO A 618 -29.79 4.75 -22.31
C PRO A 618 -29.21 4.38 -20.95
N VAL A 619 -29.32 3.10 -20.65
CA VAL A 619 -28.82 2.47 -19.44
C VAL A 619 -28.23 1.11 -19.86
N LEU A 620 -26.99 0.83 -19.44
CA LEU A 620 -26.40 -0.50 -19.58
C LEU A 620 -26.92 -1.45 -18.54
N TYR A 621 -27.33 -2.63 -18.98
CA TYR A 621 -27.62 -3.73 -18.09
C TYR A 621 -26.53 -4.78 -18.31
N ILE A 622 -25.63 -4.86 -17.33
CA ILE A 622 -24.37 -5.59 -17.42
C ILE A 622 -24.47 -6.88 -16.62
N GLN A 623 -24.18 -8.03 -17.25
CA GLN A 623 -24.17 -9.30 -16.54
C GLN A 623 -22.80 -9.64 -15.92
N VAL A 624 -22.76 -9.85 -14.61
CA VAL A 624 -21.50 -10.13 -13.88
C VAL A 624 -21.49 -11.57 -13.38
N PRO A 625 -20.60 -12.42 -13.95
CA PRO A 625 -20.68 -13.85 -13.68
C PRO A 625 -20.51 -14.19 -12.18
N ARG A 626 -19.69 -13.41 -11.49
CA ARG A 626 -19.18 -13.80 -10.16
C ARG A 626 -18.63 -12.57 -9.44
N LEU A 627 -18.79 -12.56 -8.11
CA LEU A 627 -18.11 -11.64 -7.24
C LEU A 627 -17.66 -12.38 -5.97
N THR A 628 -16.34 -12.48 -5.76
CA THR A 628 -15.81 -13.09 -4.52
C THR A 628 -15.57 -11.97 -3.50
N LEU A 629 -14.54 -11.15 -3.70
CA LEU A 629 -14.35 -9.96 -2.84
C LEU A 629 -14.44 -8.67 -3.64
N TRP A 630 -13.75 -8.63 -4.78
CA TRP A 630 -13.60 -7.37 -5.50
C TRP A 630 -13.59 -7.58 -7.00
N ASP A 631 -14.55 -6.94 -7.64
CA ASP A 631 -14.62 -6.85 -9.10
C ASP A 631 -14.49 -5.40 -9.57
N MET A 632 -13.83 -5.22 -10.71
CA MET A 632 -13.82 -3.96 -11.38
C MET A 632 -14.43 -4.12 -12.78
N ILE A 633 -15.51 -3.38 -13.05
CA ILE A 633 -16.03 -3.29 -14.41
C ILE A 633 -15.35 -2.12 -15.13
N TYR A 634 -15.02 -2.32 -16.39
CA TYR A 634 -14.24 -1.35 -17.17
C TYR A 634 -15.05 -1.10 -18.43
N ILE A 635 -15.52 0.15 -18.58
CA ILE A 635 -16.40 0.58 -19.68
C ILE A 635 -15.67 1.57 -20.60
N LEU A 636 -15.33 1.17 -21.83
CA LEU A 636 -14.67 2.06 -22.80
C LEU A 636 -15.68 3.07 -23.32
N GLU A 637 -15.35 4.35 -23.16
CA GLU A 637 -16.23 5.52 -23.42
C GLU A 637 -15.38 6.79 -23.44
#